data_2C1H
#
_entry.id   2C1H
#
_cell.length_a   126.480
_cell.length_b   126.480
_cell.length_c   81.850
_cell.angle_alpha   90.00
_cell.angle_beta   90.00
_cell.angle_gamma   90.00
#
_symmetry.space_group_name_H-M   'P 4 21 2'
#
loop_
_entity.id
_entity.type
_entity.pdbx_description
1 polymer 'DELTA-AMINOLEVULINIC ACID DEHYDRATASE'
2 non-polymer 'MAGNESIUM ION'
3 non-polymer '4,7-DIOXOSEBACIC ACID'
4 water water
#
_entity_poly.entity_id   1
_entity_poly.type   'polypeptide(L)'
_entity_poly.pdbx_seq_one_letter_code
;MSQLDLLNIVHRPRRLRRTAALRNLVQENTLTVNDLVFPLFVMPGTNAVEEVSSMPGSFRFTIDRAVEECKELYDLGIQG
IDLFGIPEQKTEDGSEAYNDNGILQQAIRAIKKAVPELCIMTDVALDPFTPFGHDGLVKDGIILNDETVEVLQKMAVSHA
EAGADFVSPSDMMDGRIGAIREALDETDHSDVGILSYAAKYASSFYGPFRDALHSAPQFGDKSTYQMNPANTEEAMKEVE
LDIVEGADIVMVKPGLAYLDIVWRTKERFDVPVAIYHVSGEYAMVKAAAAKGWIDEDRVMMESLLCMKRAGADIIFTYYA
KEAAKKLR
;
_entity_poly.pdbx_strand_id   A,B
#
# COMPACT_ATOMS: atom_id res chain seq x y z
N VAL A 10 18.55 27.88 8.71
CA VAL A 10 18.77 28.26 7.28
C VAL A 10 17.72 27.63 6.35
N HIS A 11 17.61 26.31 6.38
CA HIS A 11 16.66 25.57 5.56
C HIS A 11 15.38 25.28 6.33
N ARG A 12 14.27 25.90 5.91
CA ARG A 12 12.96 25.62 6.51
C ARG A 12 11.96 25.18 5.43
N PRO A 13 11.88 23.86 5.16
CA PRO A 13 10.99 23.30 4.14
C PRO A 13 9.51 23.67 4.32
N ARG A 14 9.07 23.90 5.56
CA ARG A 14 7.68 24.25 5.82
C ARG A 14 7.21 25.52 5.08
N ARG A 15 8.15 26.24 4.48
CA ARG A 15 7.85 27.46 3.72
C ARG A 15 7.03 27.17 2.47
N LEU A 16 7.22 25.98 1.90
CA LEU A 16 6.48 25.55 0.72
C LEU A 16 5.14 24.89 1.08
N ARG A 17 4.82 24.84 2.38
CA ARG A 17 3.57 24.27 2.88
C ARG A 17 2.73 25.29 3.63
N ARG A 18 3.17 26.53 3.69
CA ARG A 18 2.52 27.55 4.53
C ARG A 18 1.10 27.84 4.08
N THR A 19 0.87 27.77 2.77
CA THR A 19 -0.44 28.07 2.21
C THR A 19 -0.83 27.12 1.07
N ALA A 20 -2.15 26.97 0.88
CA ALA A 20 -2.69 26.22 -0.25
C ALA A 20 -2.20 26.79 -1.57
N ALA A 21 -1.95 28.09 -1.59
CA ALA A 21 -1.49 28.81 -2.77
C ALA A 21 -0.02 28.54 -3.10
N LEU A 22 0.67 27.82 -2.21
CA LEU A 22 2.08 27.47 -2.44
C LEU A 22 2.24 25.97 -2.64
N ARG A 23 1.37 25.19 -2.00
CA ARG A 23 1.40 23.74 -2.11
C ARG A 23 1.04 23.28 -3.52
N ASN A 24 0.12 24.00 -4.16
CA ASN A 24 -0.30 23.68 -5.53
C ASN A 24 0.76 24.04 -6.56
N LEU A 25 1.50 25.11 -6.31
CA LEU A 25 2.57 25.53 -7.22
C LEU A 25 3.69 24.48 -7.30
N VAL A 26 4.17 24.06 -6.15
CA VAL A 26 5.30 23.12 -6.06
C VAL A 26 4.91 21.65 -6.23
N GLN A 27 3.62 21.36 -6.10
CA GLN A 27 3.12 19.98 -6.13
C GLN A 27 3.69 19.21 -7.31
N GLU A 28 4.48 18.18 -7.00
CA GLU A 28 5.25 17.42 -7.99
C GLU A 28 4.39 16.60 -8.94
N ASN A 29 3.26 16.10 -8.44
CA ASN A 29 2.39 15.18 -9.18
C ASN A 29 0.92 15.46 -8.94
N THR A 30 0.13 15.22 -9.97
CA THR A 30 -1.33 15.37 -9.90
C THR A 30 -2.01 14.19 -10.58
N LEU A 31 -3.17 13.79 -10.07
CA LEU A 31 -3.99 12.77 -10.69
C LEU A 31 -5.00 13.39 -11.65
N THR A 32 -5.09 12.83 -12.87
CA THR A 32 -6.07 13.27 -13.87
C THR A 32 -6.93 12.09 -14.29
N VAL A 33 -8.02 12.38 -15.01
CA VAL A 33 -8.88 11.33 -15.57
C VAL A 33 -8.16 10.50 -16.62
N ASN A 34 -7.13 11.08 -17.23
CA ASN A 34 -6.34 10.42 -18.25
C ASN A 34 -5.40 9.34 -17.67
N ASP A 35 -5.42 9.20 -16.35
CA ASP A 35 -4.61 8.19 -15.68
C ASP A 35 -5.45 6.96 -15.31
N LEU A 36 -6.74 7.01 -15.61
CA LEU A 36 -7.68 6.00 -15.13
C LEU A 36 -8.19 5.03 -16.20
N VAL A 37 -8.17 3.74 -15.87
CA VAL A 37 -8.78 2.68 -16.68
C VAL A 37 -9.78 1.89 -15.83
N PHE A 38 -10.99 1.74 -16.36
CA PHE A 38 -12.09 1.05 -15.67
C PHE A 38 -12.22 -0.41 -16.10
N PRO A 39 -11.96 -1.35 -15.17
CA PRO A 39 -12.17 -2.78 -15.46
C PRO A 39 -13.66 -3.13 -15.51
N LEU A 40 -14.03 -3.96 -16.48
CA LEU A 40 -15.42 -4.32 -16.71
C LEU A 40 -15.57 -5.82 -16.84
N PHE A 41 -16.42 -6.38 -15.98
CA PHE A 41 -16.73 -7.80 -16.02
C PHE A 41 -17.99 -8.02 -16.84
N VAL A 42 -17.88 -8.84 -17.87
CA VAL A 42 -19.04 -9.11 -18.73
C VAL A 42 -19.49 -10.57 -18.62
N MET A 43 -20.71 -10.73 -18.11
CA MET A 43 -21.36 -12.03 -18.02
C MET A 43 -22.38 -12.20 -19.14
N PRO A 44 -22.80 -13.45 -19.43
CA PRO A 44 -23.84 -13.69 -20.45
C PRO A 44 -25.24 -13.28 -19.97
N GLY A 45 -26.14 -13.07 -20.94
CA GLY A 45 -27.52 -12.68 -20.64
C GLY A 45 -27.89 -11.33 -21.23
N THR A 46 -29.13 -10.93 -21.02
CA THR A 46 -29.58 -9.60 -21.45
C THR A 46 -30.27 -8.86 -20.30
N ASN A 47 -29.94 -7.57 -20.19
CA ASN A 47 -30.46 -6.66 -19.15
C ASN A 47 -30.36 -7.17 -17.71
N ALA A 48 -29.13 -7.42 -17.26
CA ALA A 48 -28.86 -7.84 -15.89
C ALA A 48 -27.55 -7.25 -15.36
N VAL A 49 -27.58 -6.77 -14.13
CA VAL A 49 -26.42 -6.19 -13.46
C VAL A 49 -26.32 -6.75 -12.03
N GLU A 50 -25.30 -7.57 -11.79
CA GLU A 50 -25.12 -8.22 -10.49
C GLU A 50 -24.00 -7.58 -9.69
N GLU A 51 -24.32 -7.13 -8.48
CA GLU A 51 -23.30 -6.55 -7.61
C GLU A 51 -22.43 -7.65 -6.98
N VAL A 52 -21.11 -7.44 -7.02
CA VAL A 52 -20.16 -8.33 -6.39
C VAL A 52 -20.25 -8.21 -4.88
N SER A 53 -20.59 -9.31 -4.21
CA SER A 53 -20.81 -9.32 -2.77
C SER A 53 -19.57 -8.87 -1.98
N SER A 54 -18.40 -9.21 -2.50
CA SER A 54 -17.14 -8.88 -1.85
C SER A 54 -16.51 -7.59 -2.40
N MET A 55 -17.15 -6.98 -3.39
CA MET A 55 -16.71 -5.69 -3.93
C MET A 55 -17.89 -4.72 -4.06
N PRO A 56 -18.33 -4.12 -2.94
CA PRO A 56 -19.45 -3.18 -3.01
C PRO A 56 -19.16 -2.05 -4.00
N GLY A 57 -20.11 -1.77 -4.88
CA GLY A 57 -19.92 -0.76 -5.91
C GLY A 57 -19.46 -1.36 -7.24
N SER A 58 -18.96 -2.58 -7.19
CA SER A 58 -18.57 -3.31 -8.40
C SER A 58 -19.74 -4.15 -8.91
N PHE A 59 -19.77 -4.36 -10.22
CA PHE A 59 -20.88 -5.04 -10.86
C PHE A 59 -20.44 -5.99 -11.98
N ARG A 60 -21.22 -7.06 -12.15
CA ARG A 60 -21.16 -7.91 -13.34
C ARG A 60 -22.15 -7.35 -14.37
N PHE A 61 -21.67 -7.18 -15.61
CA PHE A 61 -22.45 -6.52 -16.65
C PHE A 61 -22.79 -7.41 -17.83
N THR A 62 -24.06 -7.40 -18.24
CA THR A 62 -24.47 -8.02 -19.51
C THR A 62 -24.07 -7.06 -20.63
N ILE A 63 -23.87 -7.60 -21.82
CA ILE A 63 -23.32 -6.84 -22.95
C ILE A 63 -24.04 -5.50 -23.15
N ASP A 64 -25.38 -5.55 -23.24
CA ASP A 64 -26.20 -4.35 -23.44
C ASP A 64 -26.04 -3.31 -22.32
N ARG A 65 -25.74 -3.79 -21.12
CA ARG A 65 -25.56 -2.93 -19.96
C ARG A 65 -24.13 -2.40 -19.84
N ALA A 66 -23.17 -3.13 -20.39
CA ALA A 66 -21.79 -2.69 -20.44
C ALA A 66 -21.67 -1.55 -21.44
N VAL A 67 -22.37 -1.69 -22.57
CA VAL A 67 -22.44 -0.65 -23.60
C VAL A 67 -22.88 0.69 -23.02
N GLU A 68 -23.96 0.68 -22.23
CA GLU A 68 -24.49 1.90 -21.63
C GLU A 68 -23.59 2.44 -20.51
N GLU A 69 -22.95 1.53 -19.78
CA GLU A 69 -21.95 1.90 -18.77
C GLU A 69 -20.77 2.59 -19.43
N CYS A 70 -20.33 2.08 -20.57
CA CYS A 70 -19.22 2.67 -21.31
C CYS A 70 -19.52 4.07 -21.82
N LYS A 71 -20.81 4.36 -22.06
CA LYS A 71 -21.23 5.71 -22.38
C LYS A 71 -20.99 6.63 -21.19
N GLU A 72 -21.53 6.27 -20.03
CA GLU A 72 -21.33 7.02 -18.79
C GLU A 72 -19.85 7.17 -18.43
N LEU A 73 -19.06 6.12 -18.67
CA LEU A 73 -17.61 6.16 -18.41
C LEU A 73 -16.89 7.16 -19.28
N TYR A 74 -17.11 7.09 -20.60
CA TYR A 74 -16.47 8.00 -21.54
C TYR A 74 -16.90 9.45 -21.37
N ASP A 75 -18.20 9.66 -21.12
CA ASP A 75 -18.75 10.99 -20.89
C ASP A 75 -18.16 11.66 -19.64
N LEU A 76 -17.68 10.84 -18.70
CA LEU A 76 -16.96 11.36 -17.53
C LEU A 76 -15.49 11.61 -17.83
N GLY A 77 -15.02 11.10 -18.97
CA GLY A 77 -13.67 11.38 -19.45
C GLY A 77 -12.68 10.25 -19.33
N ILE A 78 -13.18 9.03 -19.13
CA ILE A 78 -12.32 7.85 -19.06
C ILE A 78 -11.96 7.37 -20.47
N GLN A 79 -10.67 7.17 -20.70
CA GLN A 79 -10.14 6.86 -22.03
C GLN A 79 -10.07 5.37 -22.36
N GLY A 80 -9.87 4.54 -21.34
CA GLY A 80 -9.69 3.10 -21.54
C GLY A 80 -10.48 2.23 -20.60
N ILE A 81 -10.85 1.04 -21.07
CA ILE A 81 -11.48 0.03 -20.21
C ILE A 81 -10.80 -1.33 -20.36
N ASP A 82 -10.80 -2.12 -19.29
CA ASP A 82 -10.23 -3.49 -19.32
C ASP A 82 -11.32 -4.55 -19.18
N LEU A 83 -11.53 -5.31 -20.25
CA LEU A 83 -12.62 -6.30 -20.31
C LEU A 83 -12.26 -7.67 -19.77
N PHE A 84 -13.08 -8.17 -18.86
CA PHE A 84 -12.95 -9.52 -18.31
C PHE A 84 -14.19 -10.35 -18.63
N GLY A 85 -13.97 -11.55 -19.14
CA GLY A 85 -15.06 -12.43 -19.57
C GLY A 85 -15.42 -13.51 -18.56
N ILE A 86 -16.72 -13.74 -18.42
CA ILE A 86 -17.25 -14.82 -17.60
C ILE A 86 -18.09 -15.72 -18.51
N PRO A 87 -17.53 -16.88 -18.92
CA PRO A 87 -18.25 -17.73 -19.87
C PRO A 87 -19.27 -18.63 -19.19
N GLU A 88 -20.29 -19.04 -19.96
CA GLU A 88 -21.30 -19.98 -19.47
C GLU A 88 -20.75 -21.39 -19.31
N GLN A 89 -19.77 -21.73 -20.15
CA GLN A 89 -19.16 -23.06 -20.13
C GLN A 89 -17.65 -22.98 -19.88
N LYS A 90 -17.18 -23.75 -18.89
CA LYS A 90 -15.76 -23.84 -18.56
C LYS A 90 -15.22 -25.21 -18.95
N THR A 91 -14.20 -25.20 -19.80
CA THR A 91 -13.63 -26.44 -20.34
C THR A 91 -12.15 -26.57 -19.99
N GLU A 92 -11.71 -27.82 -19.82
CA GLU A 92 -10.34 -28.14 -19.45
C GLU A 92 -9.28 -27.64 -20.45
N ASP A 93 -9.68 -27.57 -21.73
CA ASP A 93 -8.78 -27.07 -22.78
C ASP A 93 -8.93 -25.56 -22.99
N GLY A 94 -9.97 -24.98 -22.38
CA GLY A 94 -10.22 -23.54 -22.43
C GLY A 94 -10.38 -22.95 -23.83
N SER A 95 -11.08 -23.68 -24.69
CA SER A 95 -11.23 -23.30 -26.09
C SER A 95 -12.23 -22.16 -26.31
N GLU A 96 -13.08 -21.92 -25.31
CA GLU A 96 -14.06 -20.84 -25.35
C GLU A 96 -13.38 -19.47 -25.33
N ALA A 97 -12.16 -19.42 -24.79
CA ALA A 97 -11.34 -18.21 -24.77
C ALA A 97 -11.15 -17.61 -26.18
N TYR A 98 -10.93 -18.47 -27.17
CA TYR A 98 -10.74 -18.00 -28.55
C TYR A 98 -11.96 -18.24 -29.47
N ASN A 99 -13.14 -18.38 -28.87
CA ASN A 99 -14.37 -18.46 -29.64
C ASN A 99 -14.78 -17.06 -30.14
N ASP A 100 -15.01 -16.94 -31.45
CA ASP A 100 -15.39 -15.67 -32.06
C ASP A 100 -16.77 -15.20 -31.62
N ASN A 101 -17.60 -16.15 -31.18
CA ASN A 101 -18.94 -15.86 -30.69
C ASN A 101 -18.97 -15.72 -29.16
N GLY A 102 -17.78 -15.67 -28.56
CA GLY A 102 -17.64 -15.56 -27.11
C GLY A 102 -18.23 -14.28 -26.55
N ILE A 103 -18.66 -14.34 -25.29
CA ILE A 103 -19.26 -13.20 -24.59
C ILE A 103 -18.33 -11.98 -24.55
N LEU A 104 -17.04 -12.25 -24.33
CA LEU A 104 -16.01 -11.20 -24.37
C LEU A 104 -15.93 -10.57 -25.76
N GLN A 105 -15.89 -11.41 -26.79
CA GLN A 105 -15.78 -10.94 -28.18
C GLN A 105 -16.98 -10.09 -28.59
N GLN A 106 -18.18 -10.53 -28.19
CA GLN A 106 -19.40 -9.77 -28.43
C GLN A 106 -19.32 -8.40 -27.77
N ALA A 107 -18.90 -8.38 -26.50
CA ALA A 107 -18.71 -7.14 -25.74
C ALA A 107 -17.79 -6.13 -26.45
N ILE A 108 -16.61 -6.60 -26.88
CA ILE A 108 -15.67 -5.76 -27.64
C ILE A 108 -16.36 -5.14 -28.85
N ARG A 109 -17.02 -6.01 -29.63
CA ARG A 109 -17.67 -5.64 -30.88
C ARG A 109 -18.80 -4.63 -30.63
N ALA A 110 -19.61 -4.89 -29.60
CA ALA A 110 -20.72 -4.01 -29.25
C ALA A 110 -20.25 -2.63 -28.75
N ILE A 111 -19.30 -2.64 -27.82
CA ILE A 111 -18.79 -1.38 -27.24
C ILE A 111 -18.04 -0.53 -28.28
N LYS A 112 -17.29 -1.17 -29.17
CA LYS A 112 -16.55 -0.48 -30.24
C LYS A 112 -17.51 0.22 -31.22
N LYS A 113 -18.68 -0.38 -31.41
CA LYS A 113 -19.71 0.21 -32.26
C LYS A 113 -20.32 1.45 -31.62
N ALA A 114 -20.65 1.34 -30.33
CA ALA A 114 -21.35 2.39 -29.60
C ALA A 114 -20.43 3.55 -29.18
N VAL A 115 -19.28 3.22 -28.59
CA VAL A 115 -18.30 4.22 -28.16
C VAL A 115 -16.95 3.99 -28.84
N PRO A 116 -16.80 4.43 -30.11
CA PRO A 116 -15.60 4.17 -30.91
C PRO A 116 -14.35 4.82 -30.35
N GLU A 117 -14.51 5.97 -29.69
CA GLU A 117 -13.39 6.76 -29.19
C GLU A 117 -12.75 6.17 -27.94
N LEU A 118 -13.39 5.14 -27.39
CA LEU A 118 -12.89 4.51 -26.15
C LEU A 118 -11.88 3.42 -26.48
N CYS A 119 -10.85 3.31 -25.65
CA CYS A 119 -9.80 2.32 -25.84
C CYS A 119 -10.18 1.03 -25.11
N ILE A 120 -10.43 -0.02 -25.90
CA ILE A 120 -10.79 -1.32 -25.35
C ILE A 120 -9.56 -2.20 -25.13
N MET A 121 -9.18 -2.34 -23.87
CA MET A 121 -8.13 -3.28 -23.46
C MET A 121 -8.81 -4.54 -22.99
N THR A 122 -8.28 -5.69 -23.40
CA THR A 122 -8.91 -6.98 -23.12
C THR A 122 -7.98 -7.92 -22.37
N ASP A 123 -8.51 -8.60 -21.36
CA ASP A 123 -7.73 -9.57 -20.59
C ASP A 123 -7.44 -10.82 -21.40
N VAL A 124 -6.17 -11.25 -21.36
CA VAL A 124 -5.75 -12.48 -22.02
C VAL A 124 -5.20 -13.46 -20.99
N ALA A 125 -6.10 -14.22 -20.38
CA ALA A 125 -5.75 -15.28 -19.43
C ALA A 125 -6.81 -16.36 -19.44
N LEU A 126 -6.44 -17.57 -19.03
CA LEU A 126 -7.36 -18.71 -19.05
C LEU A 126 -8.02 -18.97 -17.68
N ASP A 127 -7.87 -18.02 -16.76
CA ASP A 127 -8.33 -18.16 -15.39
C ASP A 127 -9.83 -18.49 -15.22
N PRO A 128 -10.73 -17.68 -15.82
CA PRO A 128 -12.16 -17.98 -15.68
C PRO A 128 -12.72 -18.89 -16.79
N PHE A 129 -11.85 -19.40 -17.65
CA PHE A 129 -12.26 -20.22 -18.79
C PHE A 129 -12.00 -21.71 -18.60
N THR A 130 -11.43 -22.06 -17.44
CA THR A 130 -11.05 -23.46 -17.13
C THR A 130 -11.56 -23.88 -15.76
N PRO A 131 -11.82 -25.19 -15.55
CA PRO A 131 -12.33 -25.66 -14.26
C PRO A 131 -11.31 -25.61 -13.10
N PHE A 132 -10.01 -25.59 -13.42
CA PHE A 132 -8.97 -25.61 -12.39
C PHE A 132 -8.68 -24.24 -11.77
N GLY A 133 -9.18 -23.18 -12.42
CA GLY A 133 -9.06 -21.82 -11.92
C GLY A 133 -7.66 -21.24 -12.06
N HIS A 134 -6.95 -21.70 -13.08
CA HIS A 134 -5.56 -21.28 -13.31
C HIS A 134 -5.42 -20.46 -14.59
N ASP A 135 -4.37 -19.65 -14.64
CA ASP A 135 -4.10 -18.81 -15.81
C ASP A 135 -3.70 -19.62 -17.03
N GLY A 136 -3.32 -20.88 -16.82
CA GLY A 136 -2.92 -21.77 -17.91
C GLY A 136 -3.51 -23.17 -17.85
N LEU A 137 -3.08 -24.01 -18.78
CA LEU A 137 -3.53 -25.39 -18.87
C LEU A 137 -2.78 -26.29 -17.88
N VAL A 138 -3.55 -27.12 -17.17
CA VAL A 138 -2.99 -28.03 -16.17
C VAL A 138 -2.95 -29.46 -16.71
N LYS A 139 -1.85 -30.15 -16.44
CA LYS A 139 -1.68 -31.53 -16.86
C LYS A 139 -1.68 -32.45 -15.64
N ASP A 140 -0.50 -32.75 -15.11
CA ASP A 140 -0.38 -33.59 -13.93
C ASP A 140 -0.18 -32.75 -12.66
N GLY A 141 -0.94 -31.66 -12.56
CA GLY A 141 -0.81 -30.71 -11.47
C GLY A 141 0.12 -29.56 -11.82
N ILE A 142 0.77 -29.66 -12.98
CA ILE A 142 1.69 -28.65 -13.46
C ILE A 142 0.98 -27.72 -14.43
N ILE A 143 0.97 -26.43 -14.11
CA ILE A 143 0.41 -25.44 -15.03
C ILE A 143 1.42 -25.22 -16.15
N LEU A 144 1.05 -25.63 -17.35
CA LEU A 144 1.98 -25.69 -18.48
C LEU A 144 2.32 -24.31 -18.99
N ASN A 145 3.52 -24.16 -19.55
CA ASN A 145 3.96 -22.87 -20.07
C ASN A 145 3.64 -22.70 -21.55
N ASP A 146 4.38 -23.40 -22.39
CA ASP A 146 4.29 -23.23 -23.84
C ASP A 146 2.93 -23.63 -24.42
N GLU A 147 2.35 -24.70 -23.88
CA GLU A 147 1.02 -25.15 -24.30
C GLU A 147 -0.06 -24.10 -24.03
N THR A 148 0.12 -23.35 -22.94
CA THR A 148 -0.78 -22.28 -22.55
C THR A 148 -0.66 -21.08 -23.50
N VAL A 149 0.58 -20.69 -23.78
CA VAL A 149 0.87 -19.52 -24.62
C VAL A 149 0.27 -19.66 -26.01
N GLU A 150 0.29 -20.87 -26.56
CA GLU A 150 -0.31 -21.14 -27.88
C GLU A 150 -1.82 -20.94 -27.88
N VAL A 151 -2.45 -21.21 -26.74
CA VAL A 151 -3.87 -20.90 -26.54
C VAL A 151 -4.03 -19.40 -26.36
N LEU A 152 -3.07 -18.79 -25.66
CA LEU A 152 -3.07 -17.35 -25.42
C LEU A 152 -2.90 -16.55 -26.71
N GLN A 153 -2.10 -17.08 -27.63
CA GLN A 153 -1.89 -16.48 -28.95
C GLN A 153 -3.23 -16.30 -29.68
N LYS A 154 -3.99 -17.40 -29.80
CA LYS A 154 -5.28 -17.40 -30.48
C LYS A 154 -6.32 -16.52 -29.79
N MET A 155 -6.23 -16.43 -28.46
CA MET A 155 -7.10 -15.58 -27.66
C MET A 155 -6.92 -14.10 -27.98
N ALA A 156 -5.66 -13.67 -28.08
CA ALA A 156 -5.31 -12.28 -28.40
C ALA A 156 -5.73 -11.94 -29.82
N VAL A 157 -5.55 -12.90 -30.72
CA VAL A 157 -6.01 -12.76 -32.11
C VAL A 157 -7.52 -12.57 -32.11
N SER A 158 -8.21 -13.44 -31.38
CA SER A 158 -9.66 -13.37 -31.22
C SER A 158 -10.15 -11.97 -30.78
N HIS A 159 -9.48 -11.39 -29.77
CA HIS A 159 -9.81 -10.04 -29.29
C HIS A 159 -9.58 -8.97 -30.35
N ALA A 160 -8.42 -9.01 -31.00
CA ALA A 160 -8.08 -8.07 -32.07
C ALA A 160 -9.06 -8.17 -33.24
N GLU A 161 -9.51 -9.40 -33.51
CA GLU A 161 -10.48 -9.68 -34.57
C GLU A 161 -11.80 -8.98 -34.28
N ALA A 162 -12.23 -9.04 -33.02
CA ALA A 162 -13.49 -8.41 -32.61
C ALA A 162 -13.42 -6.87 -32.61
N GLY A 163 -12.21 -6.33 -32.65
CA GLY A 163 -11.99 -4.88 -32.75
C GLY A 163 -11.26 -4.20 -31.59
N ALA A 164 -10.64 -5.01 -30.72
CA ALA A 164 -9.92 -4.51 -29.55
C ALA A 164 -8.72 -3.64 -29.92
N ASP A 165 -8.41 -2.70 -29.04
CA ASP A 165 -7.31 -1.77 -29.22
C ASP A 165 -6.04 -2.34 -28.60
N PHE A 166 -6.15 -2.76 -27.34
CA PHE A 166 -5.02 -3.34 -26.60
C PHE A 166 -5.39 -4.69 -25.99
N VAL A 167 -4.43 -5.60 -25.95
CA VAL A 167 -4.57 -6.85 -25.21
C VAL A 167 -3.68 -6.84 -23.96
N SER A 168 -4.25 -7.21 -22.81
CA SER A 168 -3.52 -7.17 -21.54
C SER A 168 -3.38 -8.55 -20.86
N PRO A 169 -2.36 -9.33 -21.26
CA PRO A 169 -2.14 -10.70 -20.79
C PRO A 169 -1.70 -10.77 -19.32
N SER A 170 -2.58 -11.30 -18.47
CA SER A 170 -2.32 -11.38 -17.03
C SER A 170 -1.90 -12.78 -16.57
N ASP A 171 -1.46 -13.59 -17.52
CA ASP A 171 -1.18 -15.01 -17.33
C ASP A 171 0.07 -15.31 -16.50
N MET A 172 1.11 -14.49 -16.68
CA MET A 172 2.45 -14.70 -16.11
C MET A 172 3.10 -15.98 -16.60
N MET A 173 3.00 -16.25 -17.90
CA MET A 173 3.77 -17.30 -18.54
C MET A 173 5.04 -16.70 -19.13
N ASP A 174 6.10 -17.50 -19.20
CA ASP A 174 7.35 -17.07 -19.83
C ASP A 174 7.16 -16.88 -21.34
N GLY A 175 7.67 -15.75 -21.84
CA GLY A 175 7.74 -15.47 -23.27
C GLY A 175 6.41 -15.40 -24.02
N ARG A 176 5.33 -15.12 -23.30
CA ARG A 176 4.02 -15.00 -23.94
C ARG A 176 3.92 -13.70 -24.75
N ILE A 177 4.48 -12.62 -24.21
CA ILE A 177 4.41 -11.30 -24.85
C ILE A 177 5.02 -11.29 -26.24
N GLY A 178 6.17 -11.96 -26.39
CA GLY A 178 6.82 -12.10 -27.69
C GLY A 178 5.99 -12.91 -28.67
N ALA A 179 5.48 -14.06 -28.20
CA ALA A 179 4.65 -14.93 -29.03
C ALA A 179 3.35 -14.27 -29.47
N ILE A 180 2.72 -13.54 -28.55
CA ILE A 180 1.50 -12.78 -28.84
C ILE A 180 1.78 -11.69 -29.86
N ARG A 181 2.95 -11.06 -29.75
CA ARG A 181 3.39 -10.06 -30.72
C ARG A 181 3.61 -10.70 -32.10
N GLU A 182 4.25 -11.87 -32.13
CA GLU A 182 4.39 -12.64 -33.36
C GLU A 182 3.01 -13.01 -33.92
N ALA A 183 2.13 -13.48 -33.04
CA ALA A 183 0.77 -13.89 -33.42
C ALA A 183 -0.08 -12.75 -33.96
N LEU A 184 -0.02 -11.60 -33.30
CA LEU A 184 -0.78 -10.43 -33.73
C LEU A 184 -0.20 -9.81 -35.01
N ASP A 185 1.12 -9.78 -35.15
CA ASP A 185 1.79 -9.30 -36.37
C ASP A 185 1.42 -10.15 -37.60
N GLU A 186 1.36 -11.47 -37.40
CA GLU A 186 1.02 -12.43 -38.47
C GLU A 186 -0.42 -12.28 -38.99
N THR A 187 -1.34 -11.85 -38.13
CA THR A 187 -2.75 -11.76 -38.49
C THR A 187 -3.23 -10.33 -38.76
N ASP A 188 -2.32 -9.52 -39.31
CA ASP A 188 -2.60 -8.12 -39.68
C ASP A 188 -3.02 -7.21 -38.52
N HIS A 189 -2.47 -7.46 -37.32
CA HIS A 189 -2.77 -6.64 -36.15
C HIS A 189 -1.53 -6.05 -35.48
N SER A 190 -0.55 -5.64 -36.29
CA SER A 190 0.66 -5.00 -35.79
C SER A 190 0.36 -3.65 -35.12
N ASP A 191 -0.88 -3.19 -35.26
CA ASP A 191 -1.32 -1.92 -34.68
C ASP A 191 -2.10 -2.11 -33.37
N VAL A 192 -2.42 -3.35 -33.04
CA VAL A 192 -3.05 -3.67 -31.76
C VAL A 192 -1.96 -3.85 -30.72
N GLY A 193 -2.01 -3.05 -29.65
CA GLY A 193 -0.97 -3.02 -28.62
C GLY A 193 -1.04 -4.11 -27.57
N ILE A 194 0.04 -4.24 -26.80
CA ILE A 194 0.14 -5.22 -25.71
C ILE A 194 0.53 -4.54 -24.39
N LEU A 195 -0.38 -4.60 -23.40
CA LEU A 195 -0.06 -4.13 -22.05
C LEU A 195 0.28 -5.34 -21.20
N SER A 196 1.58 -5.62 -21.08
CA SER A 196 2.03 -6.79 -20.33
C SER A 196 1.85 -6.64 -18.83
N TYR A 197 1.35 -7.70 -18.20
CA TYR A 197 1.38 -7.80 -16.76
C TYR A 197 2.75 -8.35 -16.42
N ALA A 198 3.75 -7.47 -16.46
CA ALA A 198 5.16 -7.85 -16.41
C ALA A 198 5.58 -8.45 -15.08
N ALA A 199 5.24 -7.77 -13.99
CA ALA A 199 5.58 -8.22 -12.65
C ALA A 199 4.32 -8.38 -11.78
N LYS A 200 3.58 -9.46 -12.04
CA LYS A 200 2.40 -9.83 -11.28
C LYS A 200 2.81 -10.81 -10.17
N TYR A 201 2.55 -10.42 -8.92
CA TYR A 201 2.98 -11.17 -7.75
C TYR A 201 1.91 -12.13 -7.28
N ALA A 202 2.32 -13.22 -6.61
CA ALA A 202 1.40 -14.18 -6.02
C ALA A 202 0.83 -13.63 -4.72
N SER A 203 -0.22 -12.84 -4.85
CA SER A 203 -0.75 -12.08 -3.74
C SER A 203 -1.96 -12.73 -3.06
N SER A 204 -2.17 -12.38 -1.79
CA SER A 204 -3.37 -12.78 -1.06
C SER A 204 -4.41 -11.65 -1.11
N PHE A 205 -4.17 -10.68 -1.99
CA PHE A 205 -5.05 -9.53 -2.18
C PHE A 205 -6.06 -9.74 -3.32
N TYR A 206 -6.02 -10.89 -3.97
CA TYR A 206 -6.85 -11.13 -5.16
C TYR A 206 -8.19 -11.78 -4.85
N GLY A 207 -8.52 -11.89 -3.57
CA GLY A 207 -9.74 -12.57 -3.13
C GLY A 207 -11.00 -12.16 -3.88
N PRO A 208 -11.52 -10.95 -3.58
CA PRO A 208 -12.76 -10.42 -4.17
C PRO A 208 -12.87 -10.42 -5.70
N PHE A 209 -11.74 -10.57 -6.39
CA PHE A 209 -11.73 -10.65 -7.85
C PHE A 209 -12.09 -12.06 -8.31
N ARG A 210 -11.68 -13.05 -7.51
CA ARG A 210 -11.86 -14.46 -7.85
C ARG A 210 -13.30 -14.93 -7.72
N ASP A 211 -14.05 -14.32 -6.81
CA ASP A 211 -15.47 -14.63 -6.66
C ASP A 211 -16.32 -13.79 -7.62
N ALA A 212 -15.75 -12.67 -8.08
CA ALA A 212 -16.42 -11.76 -9.01
C ALA A 212 -16.52 -12.36 -10.41
N LEU A 213 -15.52 -13.14 -10.79
CA LEU A 213 -15.50 -13.83 -12.08
C LEU A 213 -16.03 -15.26 -11.95
N HIS A 214 -16.54 -15.58 -10.75
CA HIS A 214 -17.10 -16.89 -10.41
C HIS A 214 -16.16 -18.07 -10.69
N SER A 215 -14.90 -17.76 -11.04
CA SER A 215 -13.91 -18.77 -11.39
C SER A 215 -13.91 -19.92 -10.39
N ALA A 216 -14.01 -21.15 -10.90
CA ALA A 216 -14.05 -22.36 -10.08
C ALA A 216 -12.80 -22.50 -9.20
N PRO A 217 -12.97 -23.08 -7.99
CA PRO A 217 -11.89 -23.28 -7.02
C PRO A 217 -10.49 -23.39 -7.61
N GLN A 218 -9.67 -22.38 -7.33
CA GLN A 218 -8.31 -22.23 -7.89
C GLN A 218 -7.30 -23.31 -7.48
N PHE A 219 -7.79 -24.38 -6.84
CA PHE A 219 -6.98 -25.55 -6.45
C PHE A 219 -5.72 -25.16 -5.63
N GLY A 220 -4.54 -25.52 -6.11
CA GLY A 220 -3.29 -25.14 -5.47
C GLY A 220 -2.93 -23.70 -5.83
N ASP A 221 -2.15 -23.05 -4.97
CA ASP A 221 -1.77 -21.64 -5.20
C ASP A 221 -0.93 -21.45 -6.47
N LYS A 222 -0.64 -20.18 -6.80
CA LYS A 222 -0.10 -19.84 -8.10
C LYS A 222 1.38 -19.43 -8.04
N SER A 223 2.11 -20.10 -7.15
CA SER A 223 3.50 -19.76 -6.87
C SER A 223 4.50 -20.33 -7.89
N THR A 224 4.00 -21.17 -8.80
CA THR A 224 4.85 -21.73 -9.86
C THR A 224 5.16 -20.70 -10.94
N TYR A 225 4.31 -19.69 -11.09
CA TYR A 225 4.51 -18.67 -12.12
C TYR A 225 4.43 -17.23 -11.63
N GLN A 226 3.53 -16.95 -10.70
CA GLN A 226 3.41 -15.60 -10.14
C GLN A 226 4.55 -15.31 -9.18
N MET A 227 5.00 -14.06 -9.17
CA MET A 227 6.20 -13.67 -8.43
C MET A 227 6.09 -13.80 -6.91
N ASN A 228 7.22 -14.12 -6.27
CA ASN A 228 7.35 -14.13 -4.82
C ASN A 228 7.28 -12.70 -4.31
N PRO A 229 6.31 -12.39 -3.43
CA PRO A 229 6.11 -11.05 -2.86
C PRO A 229 7.35 -10.43 -2.18
N ALA A 230 8.41 -11.22 -2.04
CA ALA A 230 9.62 -10.78 -1.37
C ALA A 230 10.66 -10.22 -2.35
N ASN A 231 10.42 -10.40 -3.64
CA ASN A 231 11.44 -10.18 -4.68
C ASN A 231 11.32 -8.84 -5.40
N THR A 232 12.47 -8.16 -5.51
CA THR A 232 12.57 -6.86 -6.16
C THR A 232 13.40 -6.96 -7.42
N GLU A 233 14.58 -7.59 -7.30
CA GLU A 233 15.51 -7.75 -8.41
C GLU A 233 14.91 -8.59 -9.55
N GLU A 234 14.12 -9.59 -9.17
CA GLU A 234 13.49 -10.51 -10.11
C GLU A 234 12.41 -9.81 -10.95
N ALA A 235 11.83 -8.74 -10.41
CA ALA A 235 10.86 -7.94 -11.17
C ALA A 235 11.53 -7.17 -12.29
N MET A 236 12.79 -6.76 -12.05
CA MET A 236 13.59 -6.00 -13.01
C MET A 236 14.00 -6.86 -14.20
N LYS A 237 14.29 -8.12 -13.92
CA LYS A 237 14.58 -9.15 -14.91
C LYS A 237 13.33 -9.45 -15.73
N GLU A 238 12.19 -9.57 -15.06
CA GLU A 238 10.90 -9.87 -15.70
C GLU A 238 10.43 -8.78 -16.65
N VAL A 239 10.53 -7.52 -16.23
CA VAL A 239 10.07 -6.38 -17.03
C VAL A 239 10.90 -6.27 -18.31
N GLU A 240 12.23 -6.39 -18.19
CA GLU A 240 13.14 -6.24 -19.32
C GLU A 240 12.86 -7.24 -20.44
N LEU A 241 12.69 -8.50 -20.06
CA LEU A 241 12.31 -9.56 -21.00
C LEU A 241 11.07 -9.20 -21.82
N ASP A 242 10.09 -8.59 -21.17
CA ASP A 242 8.85 -8.20 -21.84
C ASP A 242 9.03 -7.00 -22.78
N ILE A 243 9.92 -6.09 -22.40
CA ILE A 243 10.25 -4.95 -23.25
C ILE A 243 11.03 -5.38 -24.50
N VAL A 244 11.98 -6.30 -24.32
CA VAL A 244 12.71 -6.89 -25.44
C VAL A 244 11.76 -7.66 -26.34
N GLU A 245 10.76 -8.30 -25.73
CA GLU A 245 9.73 -9.03 -26.48
C GLU A 245 8.77 -8.13 -27.26
N GLY A 246 8.67 -6.88 -26.85
CA GLY A 246 7.95 -5.87 -27.63
C GLY A 246 6.74 -5.23 -26.96
N ALA A 247 6.63 -5.39 -25.64
CA ALA A 247 5.52 -4.80 -24.90
C ALA A 247 5.52 -3.26 -24.96
N ASP A 248 4.37 -2.70 -25.30
CA ASP A 248 4.19 -1.24 -25.36
C ASP A 248 4.06 -0.63 -23.96
N ILE A 249 3.34 -1.33 -23.09
CA ILE A 249 3.10 -0.87 -21.73
C ILE A 249 3.40 -2.06 -20.79
N VAL A 250 4.03 -1.79 -19.66
CA VAL A 250 4.35 -2.85 -18.67
C VAL A 250 3.73 -2.55 -17.29
N MET A 251 3.00 -3.51 -16.75
CA MET A 251 2.28 -3.31 -15.49
C MET A 251 2.84 -4.08 -14.30
N VAL A 252 2.75 -3.46 -13.13
CA VAL A 252 3.09 -4.08 -11.85
C VAL A 252 1.79 -4.35 -11.09
N LYS A 253 1.69 -5.53 -10.51
CA LYS A 253 0.49 -5.95 -9.79
C LYS A 253 0.85 -6.82 -8.58
N PRO A 254 0.21 -6.57 -7.42
CA PRO A 254 -0.76 -5.52 -7.07
C PRO A 254 -0.21 -4.09 -6.99
N GLY A 255 -1.01 -3.19 -6.43
CA GLY A 255 -0.73 -1.77 -6.47
C GLY A 255 -0.11 -1.14 -5.24
N LEU A 256 -0.94 -0.81 -4.26
CA LEU A 256 -0.54 0.01 -3.13
C LEU A 256 0.69 -0.47 -2.38
N ALA A 257 0.70 -1.73 -1.98
CA ALA A 257 1.84 -2.29 -1.25
C ALA A 257 2.97 -2.73 -2.20
N TYR A 258 2.97 -2.22 -3.42
CA TYR A 258 3.98 -2.58 -4.43
C TYR A 258 4.53 -1.36 -5.18
N LEU A 259 4.36 -0.19 -4.56
CA LEU A 259 4.78 1.10 -5.14
C LEU A 259 6.29 1.26 -5.31
N ASP A 260 7.06 0.43 -4.62
CA ASP A 260 8.52 0.40 -4.76
C ASP A 260 8.96 -0.18 -6.10
N ILE A 261 8.25 -1.23 -6.54
CA ILE A 261 8.53 -1.90 -7.81
C ILE A 261 8.16 -0.97 -8.96
N VAL A 262 7.07 -0.24 -8.78
CA VAL A 262 6.61 0.77 -9.75
C VAL A 262 7.69 1.82 -9.98
N TRP A 263 8.30 2.32 -8.90
CA TRP A 263 9.36 3.32 -8.98
C TRP A 263 10.59 2.82 -9.72
N ARG A 264 10.99 1.58 -9.43
CA ARG A 264 12.13 0.93 -10.08
C ARG A 264 11.90 0.74 -11.58
N THR A 265 10.67 0.42 -11.96
CA THR A 265 10.30 0.19 -13.35
C THR A 265 10.29 1.49 -14.16
N LYS A 266 9.87 2.58 -13.51
CA LYS A 266 9.78 3.88 -14.18
C LYS A 266 11.16 4.53 -14.37
N GLU A 267 12.04 4.31 -13.41
CA GLU A 267 13.32 5.00 -13.35
C GLU A 267 14.35 4.35 -14.27
N ARG A 268 13.99 3.21 -14.85
CA ARG A 268 14.95 2.32 -15.48
C ARG A 268 14.59 1.88 -16.90
N PHE A 269 13.33 2.07 -17.32
CA PHE A 269 12.87 1.44 -18.56
C PHE A 269 12.33 2.28 -19.72
N ASP A 270 12.17 3.59 -19.53
CA ASP A 270 11.73 4.51 -20.62
C ASP A 270 10.45 4.07 -21.34
N VAL A 271 9.53 3.45 -20.61
CA VAL A 271 8.29 2.89 -21.16
C VAL A 271 7.13 3.20 -20.21
N PRO A 272 5.95 3.57 -20.76
CA PRO A 272 4.76 3.84 -19.93
C PRO A 272 4.52 2.77 -18.85
N VAL A 273 4.31 3.21 -17.62
CA VAL A 273 4.09 2.30 -16.50
C VAL A 273 2.62 2.26 -16.06
N ALA A 274 2.09 1.05 -15.92
CA ALA A 274 0.71 0.82 -15.49
C ALA A 274 0.68 0.08 -14.17
N ILE A 275 -0.42 0.27 -13.43
CA ILE A 275 -0.55 -0.34 -12.12
C ILE A 275 -1.99 -0.82 -11.89
N TYR A 276 -2.14 -1.83 -11.04
CA TYR A 276 -3.46 -2.38 -10.75
C TYR A 276 -3.87 -2.14 -9.30
N HIS A 277 -4.92 -1.34 -9.14
CA HIS A 277 -5.57 -1.12 -7.85
C HIS A 277 -6.49 -2.31 -7.61
N VAL A 278 -5.96 -3.33 -6.94
CA VAL A 278 -6.60 -4.65 -6.87
C VAL A 278 -7.85 -4.72 -6.00
N SER A 279 -8.65 -5.76 -6.22
CA SER A 279 -9.92 -5.96 -5.53
C SER A 279 -9.78 -5.92 -4.01
N GLY A 280 -8.76 -6.60 -3.48
CA GLY A 280 -8.48 -6.63 -2.05
C GLY A 280 -8.20 -5.28 -1.42
N GLU A 281 -7.40 -4.45 -2.10
CA GLU A 281 -7.17 -3.06 -1.68
C GLU A 281 -8.48 -2.28 -1.68
N TYR A 282 -9.29 -2.50 -2.73
CA TYR A 282 -10.58 -1.85 -2.91
C TYR A 282 -11.59 -2.28 -1.83
N ALA A 283 -11.59 -3.57 -1.51
CA ALA A 283 -12.48 -4.11 -0.49
C ALA A 283 -12.06 -3.69 0.91
N MET A 284 -10.77 -3.42 1.08
CA MET A 284 -10.23 -2.97 2.37
C MET A 284 -10.71 -1.57 2.73
N VAL A 285 -10.70 -0.67 1.75
CA VAL A 285 -11.15 0.70 1.93
C VAL A 285 -12.66 0.72 2.12
N LYS A 286 -13.35 -0.14 1.39
CA LYS A 286 -14.80 -0.20 1.42
C LYS A 286 -15.35 -0.74 2.75
N ALA A 287 -14.71 -1.77 3.29
CA ALA A 287 -15.11 -2.40 4.55
C ALA A 287 -14.86 -1.51 5.77
N ALA A 288 -13.75 -0.77 5.73
CA ALA A 288 -13.37 0.09 6.84
C ALA A 288 -14.21 1.37 6.88
N ALA A 289 -14.62 1.84 5.69
CA ALA A 289 -15.51 3.00 5.59
C ALA A 289 -16.93 2.64 6.04
N ALA A 290 -17.33 1.39 5.81
CA ALA A 290 -18.63 0.89 6.26
C ALA A 290 -18.73 0.88 7.78
N LYS A 291 -17.58 0.71 8.43
CA LYS A 291 -17.49 0.73 9.89
C LYS A 291 -17.36 2.15 10.44
N GLY A 292 -16.99 3.09 9.57
CA GLY A 292 -16.81 4.50 9.95
C GLY A 292 -15.41 4.84 10.45
N TRP A 293 -14.48 3.91 10.29
CA TRP A 293 -13.10 4.09 10.77
C TRP A 293 -12.23 4.94 9.85
N ILE A 294 -12.56 4.94 8.55
CA ILE A 294 -11.90 5.78 7.56
C ILE A 294 -12.89 6.58 6.70
N ASP A 295 -12.37 7.55 5.97
CA ASP A 295 -13.15 8.29 4.98
C ASP A 295 -12.82 7.72 3.60
N GLU A 296 -13.81 7.06 3.02
CA GLU A 296 -13.67 6.37 1.74
C GLU A 296 -13.09 7.28 0.65
N ASP A 297 -13.73 8.44 0.45
CA ASP A 297 -13.35 9.38 -0.60
C ASP A 297 -11.88 9.79 -0.49
N ARG A 298 -11.50 10.21 0.72
CA ARG A 298 -10.14 10.65 1.01
C ARG A 298 -9.07 9.57 0.78
N VAL A 299 -9.32 8.36 1.29
CA VAL A 299 -8.36 7.26 1.19
C VAL A 299 -8.21 6.75 -0.26
N MET A 300 -9.34 6.64 -0.97
CA MET A 300 -9.33 6.21 -2.37
C MET A 300 -8.53 7.15 -3.27
N MET A 301 -8.73 8.45 -3.08
CA MET A 301 -8.04 9.47 -3.88
C MET A 301 -6.57 9.63 -3.50
N GLU A 302 -6.28 9.56 -2.20
CA GLU A 302 -4.92 9.64 -1.70
C GLU A 302 -4.09 8.49 -2.23
N SER A 303 -4.65 7.29 -2.17
CA SER A 303 -3.99 6.08 -2.68
C SER A 303 -3.78 6.09 -4.20
N LEU A 304 -4.68 6.76 -4.93
CA LEU A 304 -4.52 6.93 -6.37
C LEU A 304 -3.42 7.93 -6.71
N LEU A 305 -3.26 8.94 -5.84
CA LEU A 305 -2.21 9.93 -5.99
C LEU A 305 -0.85 9.31 -5.64
N CYS A 306 -0.86 8.42 -4.63
CA CYS A 306 0.33 7.66 -4.26
C CYS A 306 0.90 6.90 -5.45
N MET A 307 0.02 6.36 -6.28
CA MET A 307 0.41 5.59 -7.47
C MET A 307 1.03 6.51 -8.54
N LYS A 308 0.47 7.71 -8.68
CA LYS A 308 1.03 8.71 -9.59
C LYS A 308 2.39 9.23 -9.11
N ARG A 309 2.55 9.37 -7.79
CA ARG A 309 3.82 9.73 -7.19
C ARG A 309 4.90 8.66 -7.41
N ALA A 310 4.49 7.40 -7.30
CA ALA A 310 5.40 6.26 -7.49
C ALA A 310 5.89 6.12 -8.93
N GLY A 311 5.19 6.78 -9.86
CA GLY A 311 5.63 6.80 -11.25
C GLY A 311 4.74 6.08 -12.25
N ALA A 312 3.56 5.66 -11.80
CA ALA A 312 2.57 5.05 -12.69
C ALA A 312 1.93 6.09 -13.62
N ASP A 313 1.63 5.65 -14.84
CA ASP A 313 0.95 6.49 -15.82
C ASP A 313 -0.51 6.07 -15.96
N ILE A 314 -0.74 4.77 -15.84
CA ILE A 314 -2.07 4.19 -15.99
C ILE A 314 -2.41 3.43 -14.72
N ILE A 315 -3.66 3.60 -14.27
CA ILE A 315 -4.15 2.93 -13.07
C ILE A 315 -5.46 2.20 -13.38
N PHE A 316 -5.38 0.87 -13.40
CA PHE A 316 -6.57 0.02 -13.52
C PHE A 316 -7.22 -0.01 -12.15
N THR A 317 -8.34 0.70 -12.00
CA THR A 317 -8.98 0.82 -10.68
C THR A 317 -10.50 0.70 -10.75
N TYR A 318 -11.09 0.05 -9.75
CA TYR A 318 -12.55 -0.14 -9.71
C TYR A 318 -13.23 1.11 -9.18
N TYR A 319 -12.42 2.08 -8.74
CA TYR A 319 -12.92 3.37 -8.25
C TYR A 319 -12.82 4.43 -9.35
N ALA A 320 -12.43 4.00 -10.55
CA ALA A 320 -12.20 4.90 -11.68
C ALA A 320 -13.35 5.86 -11.96
N LYS A 321 -14.57 5.36 -11.90
CA LYS A 321 -15.75 6.16 -12.22
C LYS A 321 -16.04 7.17 -11.11
N GLU A 322 -15.90 6.73 -9.87
CA GLU A 322 -16.05 7.60 -8.71
C GLU A 322 -14.93 8.64 -8.68
N ALA A 323 -13.73 8.22 -9.05
CA ALA A 323 -12.59 9.11 -9.20
C ALA A 323 -12.81 10.11 -10.34
N ALA A 324 -13.42 9.63 -11.43
CA ALA A 324 -13.73 10.48 -12.58
C ALA A 324 -14.69 11.60 -12.23
N LYS A 325 -15.69 11.27 -11.41
CA LYS A 325 -16.70 12.23 -10.96
C LYS A 325 -16.12 13.37 -10.11
N LYS A 326 -15.13 13.05 -9.27
CA LYS A 326 -14.49 14.04 -8.41
C LYS A 326 -13.51 14.96 -9.17
N LEU A 327 -12.94 14.45 -10.26
CA LEU A 327 -11.93 15.19 -11.04
C LEU A 327 -12.54 15.95 -12.21
N ARG A 328 -13.86 16.17 -12.14
CA ARG A 328 -14.63 16.75 -13.23
C ARG A 328 -14.41 18.25 -13.37
N VAL B 10 15.05 -19.29 -24.59
CA VAL B 10 16.35 -19.15 -23.88
C VAL B 10 16.17 -18.89 -22.38
N HIS B 11 15.47 -17.81 -22.03
CA HIS B 11 15.25 -17.42 -20.63
C HIS B 11 13.89 -17.88 -20.11
N ARG B 12 13.90 -18.69 -19.05
CA ARG B 12 12.65 -19.12 -18.39
C ARG B 12 12.67 -18.89 -16.88
N PRO B 13 12.27 -17.69 -16.43
CA PRO B 13 12.26 -17.31 -15.01
C PRO B 13 11.45 -18.26 -14.10
N ARG B 14 10.51 -19.00 -14.68
CA ARG B 14 9.67 -19.92 -13.91
C ARG B 14 10.46 -21.09 -13.32
N ARG B 15 11.72 -21.24 -13.75
CA ARG B 15 12.60 -22.30 -13.27
C ARG B 15 12.92 -22.10 -11.80
N LEU B 16 13.00 -20.84 -11.38
CA LEU B 16 13.26 -20.48 -9.99
C LEU B 16 11.97 -20.43 -9.16
N ARG B 17 10.86 -20.88 -9.75
CA ARG B 17 9.57 -20.91 -9.08
C ARG B 17 8.93 -22.30 -9.12
N ARG B 18 9.64 -23.26 -9.69
CA ARG B 18 9.07 -24.60 -9.94
C ARG B 18 8.79 -25.39 -8.67
N THR B 19 9.55 -25.10 -7.62
CA THR B 19 9.36 -25.79 -6.34
C THR B 19 9.62 -24.88 -5.13
N ALA B 20 8.95 -25.20 -4.03
CA ALA B 20 9.17 -24.53 -2.74
C ALA B 20 10.64 -24.55 -2.33
N ALA B 21 11.34 -25.59 -2.73
CA ALA B 21 12.78 -25.74 -2.47
C ALA B 21 13.60 -24.67 -3.19
N LEU B 22 13.21 -24.35 -4.42
CA LEU B 22 13.91 -23.35 -5.21
C LEU B 22 13.51 -21.93 -4.84
N ARG B 23 12.23 -21.72 -4.56
CA ARG B 23 11.73 -20.41 -4.17
C ARG B 23 12.38 -19.89 -2.90
N ASN B 24 12.59 -20.80 -1.93
CA ASN B 24 13.23 -20.45 -0.66
C ASN B 24 14.73 -20.13 -0.77
N LEU B 25 15.41 -20.77 -1.72
CA LEU B 25 16.84 -20.54 -1.93
C LEU B 25 17.11 -19.18 -2.55
N VAL B 26 16.27 -18.78 -3.49
CA VAL B 26 16.47 -17.55 -4.25
C VAL B 26 15.77 -16.34 -3.65
N GLN B 27 14.99 -16.56 -2.58
CA GLN B 27 14.16 -15.51 -2.01
C GLN B 27 14.98 -14.33 -1.49
N GLU B 28 14.80 -13.19 -2.15
CA GLU B 28 15.63 -11.99 -1.95
C GLU B 28 15.53 -11.37 -0.55
N ASN B 29 14.34 -11.42 0.05
CA ASN B 29 14.06 -10.80 1.34
C ASN B 29 13.20 -11.67 2.25
N THR B 30 13.41 -11.58 3.56
CA THR B 30 12.64 -12.37 4.53
C THR B 30 12.22 -11.52 5.73
N LEU B 31 11.09 -11.87 6.33
CA LEU B 31 10.59 -11.19 7.52
C LEU B 31 11.00 -11.92 8.80
N THR B 32 11.57 -11.18 9.75
CA THR B 32 11.98 -11.75 11.04
C THR B 32 11.33 -11.00 12.21
N VAL B 33 11.38 -11.57 13.40
CA VAL B 33 10.89 -10.91 14.62
C VAL B 33 11.70 -9.65 14.93
N ASN B 34 12.94 -9.63 14.44
CA ASN B 34 13.88 -8.52 14.68
C ASN B 34 13.61 -7.27 13.83
N ASP B 35 12.64 -7.36 12.92
CA ASP B 35 12.24 -6.22 12.12
C ASP B 35 10.98 -5.54 12.66
N LEU B 36 10.53 -6.00 13.83
CA LEU B 36 9.24 -5.58 14.37
C LEU B 36 9.35 -4.71 15.63
N VAL B 37 8.67 -3.57 15.61
CA VAL B 37 8.46 -2.75 16.81
C VAL B 37 6.95 -2.61 17.08
N PHE B 38 6.56 -2.85 18.33
CA PHE B 38 5.16 -2.82 18.76
C PHE B 38 4.83 -1.48 19.46
N PRO B 39 3.95 -0.66 18.83
CA PRO B 39 3.48 0.56 19.47
C PRO B 39 2.52 0.28 20.62
N LEU B 40 2.66 1.02 21.71
CA LEU B 40 1.92 0.76 22.93
C LEU B 40 1.31 2.04 23.48
N PHE B 41 0.00 2.03 23.67
CA PHE B 41 -0.72 3.19 24.18
C PHE B 41 -0.92 3.03 25.67
N VAL B 42 -0.53 4.06 26.42
CA VAL B 42 -0.66 4.03 27.88
C VAL B 42 -1.58 5.15 28.36
N MET B 43 -2.56 4.76 29.17
CA MET B 43 -3.53 5.68 29.77
C MET B 43 -3.41 5.69 31.31
N PRO B 44 -3.91 6.75 31.97
CA PRO B 44 -3.81 6.83 33.43
C PRO B 44 -4.76 5.87 34.14
N GLY B 45 -4.36 5.42 35.33
CA GLY B 45 -5.16 4.48 36.12
C GLY B 45 -4.37 3.24 36.45
N THR B 46 -5.02 2.30 37.15
CA THR B 46 -4.41 1.01 37.45
C THR B 46 -5.33 -0.13 37.02
N ASN B 47 -4.72 -1.15 36.41
CA ASN B 47 -5.42 -2.39 36.02
C ASN B 47 -6.65 -2.20 35.12
N ALA B 48 -6.43 -1.64 33.94
CA ALA B 48 -7.50 -1.44 32.96
C ALA B 48 -6.97 -1.54 31.53
N VAL B 49 -7.71 -2.26 30.69
CA VAL B 49 -7.35 -2.46 29.29
C VAL B 49 -8.55 -2.13 28.40
N GLU B 50 -8.55 -0.93 27.79
CA GLU B 50 -9.62 -0.52 26.88
C GLU B 50 -9.26 -0.79 25.44
N GLU B 51 -10.09 -1.59 24.76
CA GLU B 51 -9.88 -1.88 23.34
C GLU B 51 -10.34 -0.69 22.49
N VAL B 52 -9.55 -0.38 21.47
CA VAL B 52 -9.86 0.69 20.53
C VAL B 52 -10.96 0.24 19.58
N SER B 53 -12.03 1.02 19.49
CA SER B 53 -13.19 0.67 18.68
C SER B 53 -12.84 0.57 17.19
N SER B 54 -12.03 1.51 16.70
CA SER B 54 -11.64 1.55 15.30
C SER B 54 -10.37 0.74 14.98
N MET B 55 -9.73 0.19 16.01
CA MET B 55 -8.62 -0.75 15.84
C MET B 55 -8.83 -2.03 16.65
N PRO B 56 -9.59 -2.99 16.10
CA PRO B 56 -9.78 -4.27 16.80
C PRO B 56 -8.45 -5.02 17.00
N GLY B 57 -8.17 -5.39 18.24
CA GLY B 57 -6.92 -6.06 18.58
C GLY B 57 -5.96 -5.13 19.30
N SER B 58 -6.16 -3.82 19.14
CA SER B 58 -5.34 -2.82 19.80
C SER B 58 -5.98 -2.38 21.12
N PHE B 59 -5.14 -2.02 22.08
CA PHE B 59 -5.61 -1.75 23.43
C PHE B 59 -4.94 -0.54 24.09
N ARG B 60 -5.74 0.19 24.87
CA ARG B 60 -5.23 1.20 25.79
C ARG B 60 -4.83 0.49 27.08
N PHE B 61 -3.60 0.72 27.53
CA PHE B 61 -3.03 -0.02 28.65
C PHE B 61 -2.70 0.86 29.85
N THR B 62 -2.89 0.31 31.06
CA THR B 62 -2.40 0.96 32.28
C THR B 62 -0.95 0.58 32.48
N ILE B 63 -0.18 1.45 33.12
CA ILE B 63 1.26 1.23 33.35
C ILE B 63 1.59 -0.20 33.81
N ASP B 64 0.77 -0.73 34.73
CA ASP B 64 0.97 -2.09 35.26
C ASP B 64 0.68 -3.21 34.27
N ARG B 65 -0.33 -2.99 33.42
CA ARG B 65 -0.70 -3.97 32.39
C ARG B 65 0.17 -3.80 31.14
N ALA B 66 0.75 -2.62 31.00
CA ALA B 66 1.73 -2.35 29.95
C ALA B 66 2.98 -3.18 30.19
N VAL B 67 3.42 -3.21 31.45
CA VAL B 67 4.53 -4.07 31.90
C VAL B 67 4.21 -5.54 31.57
N GLU B 68 3.00 -5.96 31.93
CA GLU B 68 2.51 -7.31 31.63
C GLU B 68 2.64 -7.63 30.14
N GLU B 69 2.26 -6.67 29.30
CA GLU B 69 2.32 -6.83 27.85
C GLU B 69 3.76 -6.96 27.36
N CYS B 70 4.66 -6.16 27.93
CA CYS B 70 6.06 -6.13 27.51
C CYS B 70 6.81 -7.42 27.85
N LYS B 71 6.44 -8.07 28.96
CA LYS B 71 6.96 -9.39 29.28
C LYS B 71 6.55 -10.38 28.19
N GLU B 72 5.27 -10.35 27.83
CA GLU B 72 4.73 -11.19 26.77
C GLU B 72 5.35 -10.86 25.41
N LEU B 73 5.61 -9.58 25.16
CA LEU B 73 6.20 -9.11 23.91
C LEU B 73 7.64 -9.61 23.73
N TYR B 74 8.48 -9.31 24.71
CA TYR B 74 9.90 -9.69 24.67
C TYR B 74 10.12 -11.20 24.62
N ASP B 75 9.28 -11.95 25.34
CA ASP B 75 9.33 -13.41 25.35
C ASP B 75 8.99 -14.02 24.00
N LEU B 76 8.24 -13.28 23.19
CA LEU B 76 7.96 -13.69 21.82
C LEU B 76 9.10 -13.29 20.89
N GLY B 77 10.01 -12.45 21.39
CA GLY B 77 11.20 -12.05 20.65
C GLY B 77 11.21 -10.64 20.08
N ILE B 78 10.25 -9.81 20.49
CA ILE B 78 10.23 -8.42 20.03
C ILE B 78 11.24 -7.56 20.80
N GLN B 79 12.07 -6.84 20.05
CA GLN B 79 13.21 -6.11 20.60
C GLN B 79 12.91 -4.67 21.02
N GLY B 80 11.91 -4.05 20.39
CA GLY B 80 11.61 -2.64 20.65
C GLY B 80 10.13 -2.32 20.76
N ILE B 81 9.80 -1.35 21.60
CA ILE B 81 8.43 -0.83 21.70
C ILE B 81 8.40 0.69 21.52
N ASP B 82 7.28 1.22 21.02
CA ASP B 82 7.11 2.65 20.82
C ASP B 82 5.96 3.18 21.68
N LEU B 83 6.30 3.94 22.71
CA LEU B 83 5.31 4.37 23.72
C LEU B 83 4.58 5.68 23.42
N PHE B 84 3.25 5.63 23.56
CA PHE B 84 2.39 6.79 23.42
C PHE B 84 1.63 6.99 24.72
N GLY B 85 1.60 8.24 25.18
CA GLY B 85 0.92 8.58 26.43
C GLY B 85 -0.39 9.31 26.20
N ILE B 86 -1.38 8.98 27.01
CA ILE B 86 -2.67 9.67 27.00
C ILE B 86 -2.83 10.36 28.36
N PRO B 87 -2.66 11.69 28.40
CA PRO B 87 -2.68 12.41 29.66
C PRO B 87 -4.09 12.70 30.15
N GLU B 88 -4.26 12.72 31.47
CA GLU B 88 -5.54 13.05 32.10
C GLU B 88 -5.99 14.47 31.78
N GLN B 89 -5.02 15.38 31.66
CA GLN B 89 -5.30 16.79 31.41
C GLN B 89 -4.56 17.29 30.17
N LYS B 90 -5.23 18.12 29.37
CA LYS B 90 -4.64 18.73 28.19
C LYS B 90 -4.57 20.23 28.38
N THR B 91 -3.37 20.80 28.22
CA THR B 91 -3.15 22.24 28.36
C THR B 91 -2.63 22.85 27.05
N GLU B 92 -2.93 24.13 26.85
CA GLU B 92 -2.60 24.84 25.61
C GLU B 92 -1.09 24.96 25.40
N ASP B 93 -0.34 24.99 26.50
CA ASP B 93 1.13 25.05 26.46
C ASP B 93 1.76 23.65 26.45
N GLY B 94 0.93 22.64 26.66
CA GLY B 94 1.34 21.23 26.62
C GLY B 94 2.47 20.85 27.55
N SER B 95 2.46 21.45 28.75
CA SER B 95 3.57 21.31 29.70
C SER B 95 3.67 19.93 30.34
N GLU B 96 2.57 19.18 30.29
CA GLU B 96 2.50 17.83 30.85
C GLU B 96 3.41 16.87 30.08
N ALA B 97 3.73 17.23 28.84
CA ALA B 97 4.64 16.44 28.01
C ALA B 97 6.02 16.26 28.66
N TYR B 98 6.51 17.31 29.30
CA TYR B 98 7.81 17.27 29.98
C TYR B 98 7.71 17.15 31.51
N ASN B 99 6.55 16.68 31.98
CA ASN B 99 6.35 16.37 33.39
C ASN B 99 7.10 15.09 33.72
N ASP B 100 7.92 15.13 34.76
CA ASP B 100 8.73 13.98 35.18
C ASP B 100 7.90 12.87 35.82
N ASN B 101 6.72 13.23 36.33
CA ASN B 101 5.78 12.27 36.89
C ASN B 101 4.61 11.98 35.95
N GLY B 102 4.78 12.37 34.69
CA GLY B 102 3.80 12.10 33.64
C GLY B 102 3.66 10.60 33.40
N ILE B 103 2.47 10.20 32.93
CA ILE B 103 2.15 8.79 32.69
C ILE B 103 3.15 8.10 31.74
N LEU B 104 3.54 8.82 30.68
CA LEU B 104 4.56 8.35 29.76
C LEU B 104 5.87 8.03 30.49
N GLN B 105 6.30 8.97 31.33
CA GLN B 105 7.53 8.83 32.10
C GLN B 105 7.45 7.68 33.11
N GLN B 106 6.28 7.51 33.73
CA GLN B 106 6.02 6.43 34.66
C GLN B 106 6.08 5.07 33.97
N ALA B 107 5.49 5.00 32.77
CA ALA B 107 5.52 3.80 31.95
C ALA B 107 6.94 3.40 31.53
N ILE B 108 7.73 4.38 31.08
CA ILE B 108 9.14 4.15 30.72
C ILE B 108 9.88 3.52 31.90
N ARG B 109 9.75 4.17 33.05
CA ARG B 109 10.48 3.82 34.26
C ARG B 109 10.06 2.46 34.79
N ALA B 110 8.78 2.12 34.64
CA ALA B 110 8.26 0.83 35.07
C ALA B 110 8.67 -0.31 34.13
N ILE B 111 8.51 -0.09 32.82
CA ILE B 111 8.87 -1.09 31.82
C ILE B 111 10.38 -1.40 31.86
N LYS B 112 11.20 -0.35 31.95
CA LYS B 112 12.66 -0.47 31.98
C LYS B 112 13.16 -1.28 33.19
N LYS B 113 12.45 -1.17 34.31
CA LYS B 113 12.79 -1.95 35.50
C LYS B 113 12.49 -3.43 35.27
N ALA B 114 11.28 -3.71 34.80
CA ALA B 114 10.80 -5.09 34.64
C ALA B 114 11.47 -5.84 33.49
N VAL B 115 11.44 -5.27 32.29
CA VAL B 115 12.07 -5.89 31.13
C VAL B 115 13.19 -4.99 30.55
N PRO B 116 14.40 -5.06 31.15
CA PRO B 116 15.52 -4.17 30.83
C PRO B 116 16.15 -4.41 29.46
N GLU B 117 15.97 -5.62 28.91
CA GLU B 117 16.63 -6.01 27.68
C GLU B 117 15.83 -5.60 26.44
N LEU B 118 14.78 -4.81 26.67
CA LEU B 118 13.89 -4.36 25.62
C LEU B 118 14.20 -2.89 25.31
N CYS B 119 14.16 -2.52 24.04
CA CYS B 119 14.42 -1.13 23.63
C CYS B 119 13.17 -0.28 23.72
N ILE B 120 13.19 0.71 24.60
CA ILE B 120 12.06 1.63 24.75
C ILE B 120 12.26 2.85 23.86
N MET B 121 11.42 2.95 22.83
CA MET B 121 11.34 4.14 21.98
C MET B 121 10.13 4.97 22.38
N THR B 122 10.32 6.28 22.50
CA THR B 122 9.25 7.16 23.00
C THR B 122 8.83 8.24 22.00
N ASP B 123 7.52 8.34 21.78
CA ASP B 123 6.95 9.34 20.88
C ASP B 123 7.16 10.74 21.42
N VAL B 124 7.72 11.60 20.59
CA VAL B 124 7.91 13.00 20.97
C VAL B 124 7.04 13.87 20.07
N ALA B 125 5.83 14.15 20.55
CA ALA B 125 4.88 15.00 19.84
C ALA B 125 3.91 15.60 20.83
N LEU B 126 3.33 16.75 20.48
CA LEU B 126 2.40 17.44 21.37
C LEU B 126 0.94 17.16 21.03
N ASP B 127 0.70 16.14 20.21
CA ASP B 127 -0.64 15.85 19.69
C ASP B 127 -1.70 15.49 20.76
N PRO B 128 -1.42 14.49 21.63
CA PRO B 128 -2.43 14.17 22.63
C PRO B 128 -2.35 15.02 23.92
N PHE B 129 -1.40 15.95 23.95
CA PHE B 129 -1.16 16.77 25.16
C PHE B 129 -1.82 18.14 25.09
N THR B 130 -2.32 18.50 23.90
CA THR B 130 -2.91 19.82 23.67
C THR B 130 -4.36 19.69 23.18
N PRO B 131 -5.23 20.62 23.60
CA PRO B 131 -6.63 20.58 23.18
C PRO B 131 -6.86 20.78 21.67
N PHE B 132 -5.93 21.46 20.99
CA PHE B 132 -6.09 21.74 19.55
C PHE B 132 -5.83 20.54 18.64
N GLY B 133 -5.25 19.48 19.21
CA GLY B 133 -5.03 18.21 18.51
C GLY B 133 -3.96 18.22 17.44
N HIS B 134 -3.07 19.23 17.51
CA HIS B 134 -1.96 19.37 16.56
C HIS B 134 -0.64 18.93 17.19
N ASP B 135 0.36 18.74 16.35
CA ASP B 135 1.68 18.29 16.80
C ASP B 135 2.47 19.40 17.51
N GLY B 136 2.07 20.65 17.26
CA GLY B 136 2.75 21.80 17.84
C GLY B 136 1.85 22.78 18.57
N LEU B 137 2.44 23.87 19.04
CA LEU B 137 1.71 24.94 19.75
C LEU B 137 1.01 25.86 18.76
N VAL B 138 -0.24 26.21 19.06
CA VAL B 138 -1.04 27.06 18.19
C VAL B 138 -1.12 28.49 18.75
N LYS B 139 -1.16 29.46 17.83
CA LYS B 139 -1.29 30.86 18.20
C LYS B 139 -2.54 31.43 17.55
N ASP B 140 -2.39 31.99 16.35
CA ASP B 140 -3.51 32.58 15.63
C ASP B 140 -3.97 31.67 14.48
N GLY B 141 -4.13 30.40 14.80
CA GLY B 141 -4.48 29.38 13.81
C GLY B 141 -3.24 28.80 13.16
N ILE B 142 -2.08 29.31 13.56
CA ILE B 142 -0.80 28.90 13.02
C ILE B 142 -0.12 27.96 14.00
N ILE B 143 0.24 26.76 13.53
CA ILE B 143 1.00 25.81 14.34
C ILE B 143 2.48 26.22 14.30
N LEU B 144 2.98 26.68 15.45
CA LEU B 144 4.29 27.32 15.54
C LEU B 144 5.42 26.31 15.45
N ASN B 145 6.54 26.73 14.87
CA ASN B 145 7.66 25.82 14.65
C ASN B 145 8.68 25.81 15.78
N ASP B 146 9.41 26.91 15.93
CA ASP B 146 10.53 26.99 16.87
C ASP B 146 10.07 26.95 18.32
N GLU B 147 8.90 27.53 18.58
CA GLU B 147 8.29 27.52 19.91
C GLU B 147 7.92 26.09 20.32
N THR B 148 7.53 25.28 19.34
CA THR B 148 7.19 23.89 19.53
C THR B 148 8.43 23.05 19.87
N VAL B 149 9.46 23.18 19.02
CA VAL B 149 10.71 22.43 19.17
C VAL B 149 11.31 22.61 20.56
N GLU B 150 11.30 23.85 21.06
CA GLU B 150 11.78 24.15 22.41
C GLU B 150 11.05 23.37 23.52
N VAL B 151 9.76 23.09 23.28
CA VAL B 151 8.97 22.24 24.17
C VAL B 151 9.34 20.77 23.94
N LEU B 152 9.58 20.41 22.67
CA LEU B 152 9.96 19.04 22.30
C LEU B 152 11.33 18.65 22.86
N GLN B 153 12.27 19.60 22.86
CA GLN B 153 13.59 19.41 23.47
C GLN B 153 13.45 18.91 24.91
N LYS B 154 12.67 19.64 25.70
CA LYS B 154 12.41 19.30 27.11
C LYS B 154 11.71 17.95 27.24
N MET B 155 10.80 17.65 26.30
CA MET B 155 10.08 16.38 26.29
C MET B 155 11.01 15.20 26.09
N ALA B 156 11.90 15.31 25.10
CA ALA B 156 12.87 14.26 24.79
C ALA B 156 13.82 14.04 25.95
N VAL B 157 14.28 15.14 26.56
CA VAL B 157 15.13 15.08 27.75
C VAL B 157 14.37 14.37 28.87
N SER B 158 13.09 14.72 29.03
CA SER B 158 12.23 14.07 30.03
C SER B 158 12.19 12.54 29.90
N HIS B 159 12.07 12.04 28.67
CA HIS B 159 12.03 10.59 28.40
C HIS B 159 13.36 9.91 28.74
N ALA B 160 14.45 10.53 28.29
CA ALA B 160 15.80 10.05 28.58
C ALA B 160 16.02 9.94 30.09
N GLU B 161 15.49 10.92 30.82
CA GLU B 161 15.61 10.97 32.28
C GLU B 161 14.83 9.83 32.92
N ALA B 162 13.71 9.43 32.31
CA ALA B 162 12.91 8.32 32.81
C ALA B 162 13.54 6.95 32.51
N GLY B 163 14.37 6.91 31.46
CA GLY B 163 15.12 5.70 31.11
C GLY B 163 14.98 5.22 29.68
N ALA B 164 14.37 6.06 28.83
CA ALA B 164 14.17 5.73 27.41
C ALA B 164 15.48 5.45 26.69
N ASP B 165 15.42 4.54 25.72
CA ASP B 165 16.58 4.19 24.91
C ASP B 165 16.63 5.05 23.66
N PHE B 166 15.47 5.17 23.01
CA PHE B 166 15.33 5.99 21.81
C PHE B 166 14.18 6.96 21.96
N VAL B 167 14.28 8.09 21.27
CA VAL B 167 13.15 9.00 21.15
C VAL B 167 12.75 9.09 19.69
N SER B 168 11.45 8.98 19.42
CA SER B 168 10.93 9.02 18.06
C SER B 168 10.00 10.23 17.85
N PRO B 169 10.59 11.38 17.45
CA PRO B 169 9.83 12.63 17.23
C PRO B 169 8.96 12.59 15.98
N SER B 170 7.64 12.60 16.18
CA SER B 170 6.69 12.49 15.06
C SER B 170 6.08 13.83 14.64
N ASP B 171 6.66 14.90 15.16
CA ASP B 171 6.09 16.25 15.07
C ASP B 171 6.07 16.87 13.67
N MET B 172 7.12 16.59 12.89
CA MET B 172 7.34 17.22 11.58
C MET B 172 7.44 18.74 11.70
N MET B 173 8.27 19.18 12.63
CA MET B 173 8.71 20.58 12.67
C MET B 173 10.08 20.64 12.04
N ASP B 174 10.40 21.79 11.45
CA ASP B 174 11.71 22.00 10.85
C ASP B 174 12.82 22.03 11.91
N GLY B 175 13.95 21.44 11.59
CA GLY B 175 15.15 21.46 12.44
C GLY B 175 14.98 20.97 13.87
N ARG B 176 13.97 20.13 14.10
CA ARG B 176 13.70 19.64 15.45
C ARG B 176 14.74 18.62 15.90
N ILE B 177 15.17 17.77 14.97
CA ILE B 177 16.12 16.69 15.27
C ILE B 177 17.47 17.19 15.77
N GLY B 178 18.03 18.18 15.06
CA GLY B 178 19.31 18.77 15.44
C GLY B 178 19.26 19.37 16.83
N ALA B 179 18.19 20.12 17.09
CA ALA B 179 17.94 20.73 18.40
C ALA B 179 17.75 19.69 19.51
N ILE B 180 17.04 18.60 19.19
CA ILE B 180 16.83 17.51 20.15
C ILE B 180 18.14 16.80 20.45
N ARG B 181 18.94 16.56 19.41
CA ARG B 181 20.31 16.06 19.54
C ARG B 181 21.15 16.97 20.44
N GLU B 182 21.10 18.28 20.18
CA GLU B 182 21.78 19.26 21.03
C GLU B 182 21.30 19.17 22.47
N ALA B 183 19.98 19.15 22.65
CA ALA B 183 19.36 19.08 23.98
C ALA B 183 19.67 17.79 24.73
N LEU B 184 19.71 16.67 24.01
CA LEU B 184 20.05 15.38 24.59
C LEU B 184 21.53 15.29 24.97
N ASP B 185 22.40 15.81 24.11
CA ASP B 185 23.84 15.84 24.37
C ASP B 185 24.20 16.68 25.60
N GLU B 186 23.52 17.83 25.75
CA GLU B 186 23.74 18.73 26.89
C GLU B 186 23.42 18.09 28.25
N THR B 187 22.40 17.23 28.27
CA THR B 187 21.91 16.65 29.52
C THR B 187 22.47 15.24 29.78
N ASP B 188 23.69 15.01 29.28
CA ASP B 188 24.43 13.74 29.44
C ASP B 188 23.75 12.50 28.83
N HIS B 189 22.95 12.71 27.78
CA HIS B 189 22.24 11.63 27.10
C HIS B 189 22.65 11.43 25.65
N SER B 190 23.91 11.70 25.35
CA SER B 190 24.45 11.51 23.98
C SER B 190 24.41 10.05 23.50
N ASP B 191 24.04 9.13 24.39
CA ASP B 191 23.93 7.71 24.09
C ASP B 191 22.48 7.29 23.81
N VAL B 192 21.56 8.25 23.95
CA VAL B 192 20.15 8.02 23.63
C VAL B 192 19.94 8.42 22.18
N GLY B 193 19.40 7.49 21.39
CA GLY B 193 19.21 7.72 19.95
C GLY B 193 17.97 8.51 19.56
N ILE B 194 17.89 8.86 18.28
CA ILE B 194 16.74 9.57 17.71
C ILE B 194 16.25 8.85 16.45
N LEU B 195 15.02 8.34 16.49
CA LEU B 195 14.37 7.78 15.30
C LEU B 195 13.44 8.83 14.71
N SER B 196 13.93 9.57 13.72
CA SER B 196 13.16 10.66 13.12
C SER B 196 12.04 10.20 12.19
N TYR B 197 10.85 10.77 12.38
CA TYR B 197 9.80 10.70 11.38
C TYR B 197 10.16 11.72 10.31
N ALA B 198 11.09 11.33 9.45
CA ALA B 198 11.72 12.23 8.48
C ALA B 198 10.78 12.64 7.35
N ALA B 199 10.09 11.66 6.78
CA ALA B 199 9.14 11.92 5.68
C ALA B 199 7.72 11.48 6.07
N LYS B 200 7.13 12.21 7.01
CA LYS B 200 5.77 11.95 7.48
C LYS B 200 4.78 12.77 6.65
N TYR B 201 3.78 12.09 6.09
CA TYR B 201 2.87 12.68 5.12
C TYR B 201 1.53 13.09 5.72
N ALA B 202 0.91 14.11 5.11
CA ALA B 202 -0.42 14.56 5.50
C ALA B 202 -1.45 13.56 4.98
N SER B 203 -1.64 12.49 5.73
CA SER B 203 -2.44 11.36 5.28
C SER B 203 -3.81 11.32 5.92
N SER B 204 -4.73 10.63 5.26
CA SER B 204 -6.07 10.38 5.78
C SER B 204 -6.18 8.97 6.33
N PHE B 205 -5.02 8.32 6.53
CA PHE B 205 -4.96 6.95 7.05
C PHE B 205 -4.84 6.91 8.58
N TYR B 206 -4.71 8.07 9.22
CA TYR B 206 -4.48 8.14 10.67
C TYR B 206 -5.75 8.19 11.52
N GLY B 207 -6.90 7.95 10.90
CA GLY B 207 -8.19 8.00 11.60
C GLY B 207 -8.23 7.20 12.89
N PRO B 208 -8.12 5.87 12.79
CA PRO B 208 -8.16 4.97 13.96
C PRO B 208 -7.10 5.23 15.05
N PHE B 209 -5.98 5.86 14.69
CA PHE B 209 -4.96 6.24 15.68
C PHE B 209 -5.40 7.43 16.51
N ARG B 210 -6.18 8.31 15.88
CA ARG B 210 -6.59 9.59 16.45
C ARG B 210 -7.59 9.44 17.61
N ASP B 211 -8.56 8.55 17.45
CA ASP B 211 -9.52 8.29 18.50
C ASP B 211 -8.96 7.33 19.56
N ALA B 212 -7.88 6.63 19.20
CA ALA B 212 -7.21 5.70 20.11
C ALA B 212 -6.49 6.43 21.23
N LEU B 213 -5.91 7.59 20.90
CA LEU B 213 -5.22 8.42 21.89
C LEU B 213 -6.15 9.53 22.39
N HIS B 214 -7.41 9.44 21.99
CA HIS B 214 -8.47 10.37 22.40
C HIS B 214 -8.18 11.84 22.10
N SER B 215 -7.13 12.10 21.32
CA SER B 215 -6.71 13.47 20.99
C SER B 215 -7.91 14.32 20.61
N ALA B 216 -8.04 15.46 21.29
CA ALA B 216 -9.17 16.37 21.10
C ALA B 216 -9.21 16.96 19.67
N PRO B 217 -10.42 17.35 19.20
CA PRO B 217 -10.66 17.88 17.86
C PRO B 217 -9.43 18.42 17.14
N GLN B 218 -8.92 17.61 16.22
CA GLN B 218 -7.72 17.91 15.41
C GLN B 218 -7.81 19.19 14.57
N PHE B 219 -8.97 19.86 14.60
CA PHE B 219 -9.19 21.17 13.96
C PHE B 219 -9.10 21.10 12.45
N GLY B 220 -8.36 22.03 11.84
CA GLY B 220 -8.06 21.99 10.41
C GLY B 220 -6.99 20.94 10.15
N ASP B 221 -6.80 20.54 8.90
CA ASP B 221 -5.80 19.51 8.56
C ASP B 221 -4.37 19.97 8.85
N LYS B 222 -3.41 19.06 8.67
CA LYS B 222 -2.03 19.29 9.10
C LYS B 222 -1.09 19.42 7.89
N SER B 223 -1.59 20.09 6.85
CA SER B 223 -0.90 20.19 5.58
C SER B 223 0.16 21.28 5.58
N THR B 224 0.16 22.08 6.65
CA THR B 224 1.13 23.16 6.81
C THR B 224 2.51 22.65 7.22
N TYR B 225 2.57 21.41 7.71
CA TYR B 225 3.83 20.82 8.13
C TYR B 225 4.04 19.38 7.68
N GLN B 226 2.96 18.59 7.66
CA GLN B 226 3.05 17.22 7.15
C GLN B 226 3.11 17.25 5.63
N MET B 227 3.90 16.33 5.06
CA MET B 227 4.20 16.33 3.63
C MET B 227 3.00 16.05 2.75
N ASN B 228 3.01 16.66 1.56
CA ASN B 228 2.01 16.44 0.53
C ASN B 228 2.22 15.05 -0.08
N PRO B 229 1.18 14.19 -0.02
CA PRO B 229 1.17 12.83 -0.58
C PRO B 229 1.60 12.74 -2.04
N ALA B 230 1.73 13.88 -2.71
CA ALA B 230 2.09 13.94 -4.12
C ALA B 230 3.59 14.11 -4.34
N ASN B 231 4.33 14.27 -3.25
CA ASN B 231 5.74 14.65 -3.34
C ASN B 231 6.75 13.52 -3.06
N THR B 232 7.69 13.38 -3.99
CA THR B 232 8.72 12.36 -3.94
C THR B 232 10.07 13.01 -3.66
N GLU B 233 10.41 13.98 -4.51
CA GLU B 233 11.67 14.71 -4.41
C GLU B 233 11.83 15.43 -3.08
N GLU B 234 10.71 15.84 -2.50
CA GLU B 234 10.70 16.57 -1.23
C GLU B 234 10.98 15.66 -0.02
N ALA B 235 10.71 14.36 -0.17
CA ALA B 235 11.06 13.39 0.87
C ALA B 235 12.58 13.22 0.96
N MET B 236 13.26 13.34 -0.18
CA MET B 236 14.71 13.25 -0.27
C MET B 236 15.40 14.44 0.39
N LYS B 237 14.78 15.60 0.23
CA LYS B 237 15.23 16.84 0.84
C LYS B 237 15.02 16.80 2.36
N GLU B 238 13.84 16.33 2.78
CA GLU B 238 13.50 16.18 4.20
C GLU B 238 14.41 15.21 4.93
N VAL B 239 14.65 14.04 4.34
CA VAL B 239 15.46 13.00 4.96
C VAL B 239 16.91 13.43 5.14
N GLU B 240 17.47 14.08 4.12
CA GLU B 240 18.87 14.52 4.19
C GLU B 240 19.12 15.49 5.35
N LEU B 241 18.33 16.56 5.40
CA LEU B 241 18.41 17.54 6.50
C LEU B 241 18.38 16.85 7.86
N ASP B 242 17.60 15.80 7.97
CA ASP B 242 17.44 15.07 9.22
C ASP B 242 18.66 14.20 9.53
N ILE B 243 19.32 13.72 8.49
CA ILE B 243 20.53 12.92 8.68
C ILE B 243 21.72 13.80 9.03
N VAL B 244 21.85 14.92 8.31
CA VAL B 244 22.87 15.93 8.62
C VAL B 244 22.70 16.44 10.06
N GLU B 245 21.45 16.47 10.52
CA GLU B 245 21.14 16.89 11.89
C GLU B 245 21.53 15.84 12.92
N GLY B 246 21.57 14.58 12.51
CA GLY B 246 22.15 13.54 13.34
C GLY B 246 21.24 12.38 13.73
N ALA B 247 20.17 12.18 12.98
CA ALA B 247 19.28 11.04 13.18
C ALA B 247 20.01 9.74 12.98
N ASP B 248 19.77 8.79 13.90
CA ASP B 248 20.34 7.44 13.81
C ASP B 248 19.50 6.53 12.91
N ILE B 249 18.19 6.72 12.97
CA ILE B 249 17.25 5.99 12.10
C ILE B 249 16.27 7.02 11.52
N VAL B 250 15.88 6.82 10.27
CA VAL B 250 14.88 7.68 9.62
C VAL B 250 13.64 6.88 9.23
N MET B 251 12.46 7.48 9.40
CA MET B 251 11.22 6.79 9.12
C MET B 251 10.40 7.42 8.01
N VAL B 252 9.71 6.56 7.26
CA VAL B 252 8.73 6.96 6.25
C VAL B 252 7.34 6.58 6.75
N LYS B 253 6.41 7.53 6.67
CA LYS B 253 5.05 7.32 7.16
C LYS B 253 4.03 8.08 6.30
N PRO B 254 2.91 7.41 5.93
CA PRO B 254 2.52 6.01 6.18
C PRO B 254 3.35 4.95 5.45
N GLY B 255 2.87 3.71 5.51
CA GLY B 255 3.64 2.55 5.08
C GLY B 255 3.34 2.00 3.71
N LEU B 256 2.30 1.17 3.62
CA LEU B 256 2.01 0.41 2.42
C LEU B 256 2.05 1.26 1.15
N ALA B 257 1.19 2.29 1.10
CA ALA B 257 1.09 3.14 -0.08
C ALA B 257 2.23 4.15 -0.22
N TYR B 258 3.36 3.87 0.43
CA TYR B 258 4.50 4.80 0.44
C TYR B 258 5.85 4.06 0.32
N LEU B 259 5.78 2.85 -0.22
CA LEU B 259 6.93 1.96 -0.34
C LEU B 259 7.96 2.43 -1.37
N ASP B 260 7.55 3.33 -2.25
CA ASP B 260 8.45 3.93 -3.23
C ASP B 260 9.44 4.86 -2.54
N ILE B 261 8.92 5.64 -1.59
CA ILE B 261 9.71 6.57 -0.77
C ILE B 261 10.69 5.80 0.11
N VAL B 262 10.23 4.68 0.66
CA VAL B 262 11.06 3.78 1.46
C VAL B 262 12.25 3.26 0.64
N TRP B 263 12.00 2.88 -0.62
CA TRP B 263 13.03 2.40 -1.52
C TRP B 263 14.05 3.49 -1.88
N ARG B 264 13.55 4.71 -2.13
CA ARG B 264 14.39 5.87 -2.44
C ARG B 264 15.31 6.24 -1.27
N THR B 265 14.77 6.14 -0.06
CA THR B 265 15.51 6.45 1.15
C THR B 265 16.62 5.44 1.42
N LYS B 266 16.35 4.16 1.14
CA LYS B 266 17.31 3.08 1.38
C LYS B 266 18.44 3.05 0.35
N GLU B 267 18.14 3.48 -0.87
CA GLU B 267 19.08 3.38 -1.98
C GLU B 267 20.03 4.57 -2.04
N ARG B 268 19.80 5.55 -1.17
CA ARG B 268 20.44 6.85 -1.29
C ARG B 268 21.13 7.35 -0.02
N PHE B 269 20.74 6.82 1.14
CA PHE B 269 21.16 7.44 2.41
C PHE B 269 22.06 6.67 3.38
N ASP B 270 22.24 5.36 3.18
CA ASP B 270 23.16 4.55 4.01
C ASP B 270 22.88 4.59 5.52
N VAL B 271 21.61 4.77 5.88
CA VAL B 271 21.15 4.83 7.28
C VAL B 271 19.93 3.92 7.45
N PRO B 272 19.87 3.14 8.55
CA PRO B 272 18.72 2.27 8.82
C PRO B 272 17.40 2.97 8.56
N VAL B 273 16.53 2.31 7.80
CA VAL B 273 15.22 2.87 7.44
C VAL B 273 14.08 2.22 8.22
N ALA B 274 13.25 3.06 8.84
CA ALA B 274 12.08 2.61 9.59
C ALA B 274 10.80 3.02 8.88
N ILE B 275 9.72 2.33 9.18
CA ILE B 275 8.43 2.52 8.52
C ILE B 275 7.29 2.32 9.49
N TYR B 276 6.18 3.01 9.26
CA TYR B 276 5.02 2.86 10.12
C TYR B 276 3.87 2.18 9.39
N HIS B 277 3.42 1.06 9.95
CA HIS B 277 2.24 0.35 9.49
C HIS B 277 1.06 1.01 10.19
N VAL B 278 0.51 2.04 9.55
CA VAL B 278 -0.47 2.93 10.20
C VAL B 278 -1.78 2.25 10.55
N SER B 279 -2.51 2.87 11.49
CA SER B 279 -3.78 2.35 12.00
C SER B 279 -4.83 2.13 10.91
N GLY B 280 -4.90 3.04 9.94
CA GLY B 280 -5.79 2.91 8.79
C GLY B 280 -5.55 1.67 7.97
N GLU B 281 -4.29 1.42 7.62
CA GLU B 281 -3.91 0.17 6.96
C GLU B 281 -4.35 -1.03 7.78
N TYR B 282 -4.12 -0.95 9.09
CA TYR B 282 -4.45 -2.01 10.03
C TYR B 282 -5.96 -2.25 10.12
N ALA B 283 -6.72 -1.17 10.19
CA ALA B 283 -8.19 -1.25 10.25
C ALA B 283 -8.77 -1.74 8.94
N MET B 284 -8.08 -1.43 7.83
CA MET B 284 -8.52 -1.83 6.50
C MET B 284 -8.49 -3.34 6.33
N VAL B 285 -7.42 -3.97 6.82
CA VAL B 285 -7.26 -5.42 6.75
C VAL B 285 -8.26 -6.05 7.71
N LYS B 286 -8.40 -5.44 8.87
CA LYS B 286 -9.25 -5.94 9.95
C LYS B 286 -10.73 -5.94 9.60
N ALA B 287 -11.20 -4.88 8.94
CA ALA B 287 -12.61 -4.74 8.57
C ALA B 287 -13.01 -5.64 7.40
N ALA B 288 -12.10 -5.81 6.45
CA ALA B 288 -12.35 -6.63 5.28
C ALA B 288 -12.31 -8.12 5.62
N ALA B 289 -11.47 -8.48 6.58
CA ALA B 289 -11.36 -9.86 7.06
C ALA B 289 -12.60 -10.30 7.83
N ALA B 290 -13.19 -9.36 8.56
CA ALA B 290 -14.42 -9.62 9.33
C ALA B 290 -15.62 -9.93 8.42
N LYS B 291 -15.56 -9.45 7.19
CA LYS B 291 -16.60 -9.72 6.19
C LYS B 291 -16.31 -11.03 5.46
N GLY B 292 -15.09 -11.54 5.61
CA GLY B 292 -14.66 -12.75 4.93
C GLY B 292 -14.24 -12.54 3.49
N TRP B 293 -13.89 -11.30 3.14
CA TRP B 293 -13.46 -10.95 1.80
C TRP B 293 -11.95 -11.18 1.61
N ILE B 294 -11.19 -11.06 2.70
CA ILE B 294 -9.76 -11.36 2.68
C ILE B 294 -9.36 -12.29 3.83
N ASP B 295 -8.18 -12.90 3.72
CA ASP B 295 -7.59 -13.66 4.80
C ASP B 295 -6.70 -12.71 5.60
N GLU B 296 -7.03 -12.52 6.88
CA GLU B 296 -6.31 -11.59 7.75
C GLU B 296 -4.82 -11.91 7.88
N ASP B 297 -4.52 -13.15 8.28
CA ASP B 297 -3.15 -13.60 8.54
C ASP B 297 -2.27 -13.42 7.32
N ARG B 298 -2.76 -13.86 6.16
CA ARG B 298 -2.01 -13.80 4.90
C ARG B 298 -1.76 -12.38 4.39
N VAL B 299 -2.76 -11.50 4.47
CA VAL B 299 -2.60 -10.12 4.02
C VAL B 299 -1.67 -9.33 4.93
N MET B 300 -1.85 -9.46 6.24
CA MET B 300 -1.01 -8.79 7.23
C MET B 300 0.47 -9.18 7.06
N MET B 301 0.72 -10.45 6.80
CA MET B 301 2.09 -10.97 6.64
C MET B 301 2.71 -10.58 5.30
N GLU B 302 1.90 -10.59 4.24
CA GLU B 302 2.35 -10.19 2.92
C GLU B 302 2.71 -8.71 2.89
N SER B 303 1.87 -7.88 3.50
CA SER B 303 2.13 -6.44 3.59
C SER B 303 3.40 -6.12 4.40
N LEU B 304 3.67 -6.94 5.41
CA LEU B 304 4.91 -6.83 6.19
C LEU B 304 6.14 -7.26 5.39
N LEU B 305 5.96 -8.24 4.51
CA LEU B 305 7.02 -8.70 3.62
C LEU B 305 7.29 -7.64 2.56
N CYS B 306 6.23 -7.03 2.04
CA CYS B 306 6.35 -5.94 1.08
C CYS B 306 7.23 -4.80 1.60
N MET B 307 7.10 -4.50 2.89
CA MET B 307 7.89 -3.44 3.54
C MET B 307 9.37 -3.80 3.65
N LYS B 308 9.66 -5.07 3.95
CA LYS B 308 11.03 -5.56 3.97
C LYS B 308 11.66 -5.52 2.58
N ARG B 309 10.87 -5.90 1.58
CA ARG B 309 11.29 -5.83 0.18
C ARG B 309 11.61 -4.41 -0.27
N ALA B 310 10.77 -3.46 0.13
CA ALA B 310 10.98 -2.05 -0.20
C ALA B 310 12.28 -1.51 0.42
N GLY B 311 12.87 -2.28 1.33
CA GLY B 311 14.16 -1.94 1.92
C GLY B 311 14.10 -1.33 3.30
N ALA B 312 13.04 -1.63 4.05
CA ALA B 312 12.92 -1.20 5.43
C ALA B 312 13.57 -2.22 6.37
N ASP B 313 14.07 -1.75 7.50
CA ASP B 313 14.72 -2.60 8.49
C ASP B 313 13.91 -2.69 9.77
N ILE B 314 13.19 -1.62 10.08
CA ILE B 314 12.33 -1.57 11.26
C ILE B 314 10.91 -1.25 10.83
N ILE B 315 9.96 -1.97 11.40
CA ILE B 315 8.54 -1.82 11.08
C ILE B 315 7.70 -1.61 12.33
N PHE B 316 7.18 -0.39 12.48
CA PHE B 316 6.24 -0.09 13.55
C PHE B 316 4.87 -0.61 13.14
N THR B 317 4.43 -1.70 13.76
CA THR B 317 3.17 -2.35 13.40
C THR B 317 2.34 -2.83 14.59
N TYR B 318 1.03 -2.62 14.52
CA TYR B 318 0.10 -3.04 15.56
C TYR B 318 -0.17 -4.55 15.52
N TYR B 319 0.29 -5.19 14.44
CA TYR B 319 0.18 -6.63 14.25
C TYR B 319 1.45 -7.33 14.74
N ALA B 320 2.38 -6.55 15.30
CA ALA B 320 3.70 -7.03 15.72
C ALA B 320 3.66 -8.30 16.57
N LYS B 321 2.75 -8.36 17.53
CA LYS B 321 2.66 -9.52 18.42
C LYS B 321 2.12 -10.75 17.71
N GLU B 322 1.14 -10.53 16.83
CA GLU B 322 0.54 -11.61 16.06
C GLU B 322 1.57 -12.17 15.08
N ALA B 323 2.30 -11.27 14.43
CA ALA B 323 3.35 -11.63 13.50
C ALA B 323 4.48 -12.36 14.21
N ALA B 324 4.83 -11.91 15.41
CA ALA B 324 5.86 -12.56 16.21
C ALA B 324 5.50 -14.01 16.54
N LYS B 325 4.22 -14.26 16.84
CA LYS B 325 3.73 -15.59 17.15
C LYS B 325 3.89 -16.56 15.98
N LYS B 326 3.65 -16.07 14.76
CA LYS B 326 3.76 -16.87 13.55
C LYS B 326 5.19 -17.14 13.12
N LEU B 327 6.11 -16.23 13.45
CA LEU B 327 7.53 -16.37 13.08
C LEU B 327 8.31 -17.15 14.14
N ARG B 328 7.65 -17.46 15.24
CA ARG B 328 8.23 -18.22 16.34
C ARG B 328 8.45 -19.68 15.94
#